data_4N81
#
_entry.id   4N81
#
_cell.length_a   90.747
_cell.length_b   90.747
_cell.length_c   75.274
_cell.angle_alpha   90.00
_cell.angle_beta   90.00
_cell.angle_gamma   120.00
#
_symmetry.space_group_name_H-M   'P 32 2 1'
#
loop_
_entity.id
_entity.type
_entity.pdbx_description
1 polymer 'Inositol monophosphatase'
2 non-polymer 'SULFATE ION'
3 water water
#
_entity_poly.entity_id   1
_entity_poly.type   'polypeptide(L)'
_entity_poly.pdbx_seq_one_letter_code
;MSRSAYEDDIRLAHRLADVAADIIRPFFRAPLTIDLKADHSPVTKADRGAEQAMRAILEQERPEDGIFGEEMGVSRPDAR
RLWVLDPIDGTRAFIGGRASFGTLIALVEDGRPVLGIINQPIHQERWVGVKDLPTSFNGEVIHTRSCPALDHALLATTSP
WLFEKEGEVHFDKIRLKCRDTLLGGDCYNYGLLSLGHCDLVVEQGLKFYDFAALVPIVEGAGGIMRDWQNRPLNKNSVGE
VIAAGDHHLIEPALSAMEL
;
_entity_poly.pdbx_strand_id   A
#
# COMPACT_ATOMS: atom_id res chain seq x y z
N ARG A 3 -22.35 8.75 7.63
CA ARG A 3 -21.46 9.33 6.62
C ARG A 3 -20.16 9.85 7.25
N SER A 4 -19.08 9.76 6.49
CA SER A 4 -17.74 10.18 6.90
C SER A 4 -17.56 11.69 6.97
N ALA A 5 -16.67 12.15 7.84
CA ALA A 5 -16.26 13.54 7.77
C ALA A 5 -15.48 13.79 6.48
N TYR A 6 -14.97 12.71 5.87
CA TYR A 6 -14.23 12.77 4.61
C TYR A 6 -15.03 12.39 3.35
N GLU A 7 -16.36 12.44 3.42
CA GLU A 7 -17.17 11.88 2.33
C GLU A 7 -16.79 12.46 0.95
N ASP A 8 -16.56 13.78 0.90
CA ASP A 8 -16.25 14.42 -0.39
C ASP A 8 -14.91 13.97 -0.94
N ASP A 9 -13.93 13.87 -0.02
CA ASP A 9 -12.60 13.38 -0.38
C ASP A 9 -12.62 11.92 -0.80
N ILE A 10 -13.51 11.14 -0.20
CA ILE A 10 -13.61 9.72 -0.61
C ILE A 10 -14.15 9.65 -2.04
N ARG A 11 -15.11 10.52 -2.34
CA ARG A 11 -15.66 10.50 -3.68
C ARG A 11 -14.59 10.92 -4.73
N LEU A 12 -13.82 11.94 -4.39
CA LEU A 12 -12.74 12.35 -5.28
C LEU A 12 -11.73 11.20 -5.42
N ALA A 13 -11.46 10.48 -4.33
CA ALA A 13 -10.44 9.44 -4.36
C ALA A 13 -10.85 8.32 -5.31
N HIS A 14 -12.14 7.99 -5.29
CA HIS A 14 -12.64 7.01 -6.25
C HIS A 14 -12.51 7.50 -7.66
N ARG A 15 -12.74 8.80 -7.86
CA ARG A 15 -12.59 9.33 -9.22
C ARG A 15 -11.14 9.25 -9.71
N LEU A 16 -10.19 9.52 -8.81
CA LEU A 16 -8.79 9.43 -9.17
C LEU A 16 -8.44 7.99 -9.49
N ALA A 17 -8.98 7.05 -8.72
CA ALA A 17 -8.66 5.66 -9.01
C ALA A 17 -9.21 5.23 -10.35
N ASP A 18 -10.40 5.73 -10.69
CA ASP A 18 -11.01 5.39 -11.99
C ASP A 18 -10.20 5.94 -13.16
N VAL A 19 -9.76 7.19 -12.99
CA VAL A 19 -9.01 7.83 -14.04
C VAL A 19 -7.67 7.11 -14.28
N ALA A 20 -7.02 6.78 -13.16
CA ALA A 20 -5.76 6.04 -13.27
C ALA A 20 -5.97 4.67 -13.92
N ALA A 21 -7.08 3.99 -13.56
CA ALA A 21 -7.30 2.63 -14.04
C ALA A 21 -7.44 2.65 -15.54
N ASP A 22 -8.25 3.60 -16.04
CA ASP A 22 -8.48 3.61 -17.48
C ASP A 22 -7.22 3.95 -18.25
N ILE A 23 -6.33 4.72 -17.64
CA ILE A 23 -5.08 4.99 -18.35
C ILE A 23 -4.10 3.79 -18.36
N ILE A 24 -4.02 3.13 -17.20
CA ILE A 24 -3.05 2.04 -16.97
C ILE A 24 -3.43 0.74 -17.69
N ARG A 25 -4.73 0.43 -17.72
CA ARG A 25 -5.16 -0.89 -18.24
C ARG A 25 -4.64 -1.25 -19.64
N PRO A 26 -4.71 -0.33 -20.62
CA PRO A 26 -4.27 -0.69 -21.97
C PRO A 26 -2.79 -1.15 -22.01
N PHE A 27 -1.97 -0.69 -21.05
CA PHE A 27 -0.54 -1.01 -21.07
C PHE A 27 -0.22 -2.35 -20.42
N PHE A 28 -1.15 -2.92 -19.71
CA PHE A 28 -0.87 -4.18 -18.99
C PHE A 28 -0.65 -5.32 -20.00
N ARG A 29 0.40 -6.12 -19.75
CA ARG A 29 0.75 -7.24 -20.66
C ARG A 29 1.04 -6.85 -22.10
N ALA A 30 1.44 -5.62 -22.30
CA ALA A 30 2.00 -5.16 -23.56
C ALA A 30 3.46 -5.67 -23.73
N PRO A 31 3.96 -5.69 -24.97
CA PRO A 31 5.34 -6.15 -25.25
C PRO A 31 6.35 -5.23 -24.56
N LEU A 32 7.49 -5.76 -24.11
CA LEU A 32 8.46 -4.97 -23.37
C LEU A 32 9.73 -4.68 -24.17
N THR A 33 9.93 -3.42 -24.51
CA THR A 33 11.09 -3.03 -25.29
C THR A 33 12.30 -2.96 -24.36
N ILE A 34 13.49 -3.32 -24.86
CA ILE A 34 14.67 -3.28 -24.01
C ILE A 34 15.85 -2.59 -24.67
N ASP A 35 16.81 -2.20 -23.83
CA ASP A 35 18.18 -1.91 -24.23
C ASP A 35 18.29 -0.78 -25.23
N LEU A 36 17.45 0.25 -25.03
CA LEU A 36 17.52 1.44 -25.91
C LEU A 36 18.11 2.63 -25.16
N LYS A 37 18.54 3.66 -25.91
CA LYS A 37 19.06 4.88 -25.29
C LYS A 37 18.00 5.60 -24.44
N ALA A 38 16.72 5.36 -24.74
CA ALA A 38 15.63 5.93 -23.92
C ALA A 38 14.74 4.81 -23.43
N ASP A 39 13.83 5.14 -22.50
CA ASP A 39 12.90 4.23 -21.85
C ASP A 39 11.57 4.16 -22.62
N HIS A 40 11.40 3.06 -23.32
CA HIS A 40 10.19 2.83 -24.11
C HIS A 40 9.23 1.92 -23.36
N SER A 41 9.43 1.73 -22.06
CA SER A 41 8.62 0.72 -21.34
C SER A 41 7.14 1.14 -21.13
N PRO A 42 6.21 0.17 -21.27
CA PRO A 42 4.79 0.44 -20.99
C PRO A 42 4.52 0.92 -19.55
N VAL A 43 5.29 0.41 -18.57
CA VAL A 43 5.02 0.79 -17.18
C VAL A 43 5.29 2.28 -16.97
N THR A 44 6.32 2.80 -17.62
CA THR A 44 6.65 4.20 -17.50
C THR A 44 5.59 5.07 -18.16
N LYS A 45 5.10 4.64 -19.34
CA LYS A 45 4.03 5.41 -19.96
C LYS A 45 2.76 5.43 -19.10
N ALA A 46 2.43 4.28 -18.51
CA ALA A 46 1.22 4.12 -17.73
C ALA A 46 1.31 4.97 -16.46
N ASP A 47 2.45 4.87 -15.78
CA ASP A 47 2.67 5.60 -14.54
C ASP A 47 2.64 7.10 -14.78
N ARG A 48 3.35 7.56 -15.80
CA ARG A 48 3.34 8.99 -16.06
C ARG A 48 1.98 9.51 -16.50
N GLY A 49 1.31 8.77 -17.37
CA GLY A 49 0.03 9.31 -17.83
C GLY A 49 -1.01 9.32 -16.68
N ALA A 50 -0.97 8.29 -15.84
CA ALA A 50 -1.93 8.26 -14.71
C ALA A 50 -1.63 9.36 -13.70
N GLU A 51 -0.34 9.55 -13.40
CA GLU A 51 0.00 10.57 -12.44
C GLU A 51 -0.36 11.94 -12.95
N GLN A 52 -0.12 12.18 -14.26
CA GLN A 52 -0.46 13.48 -14.78
C GLN A 52 -1.94 13.72 -14.72
N ALA A 53 -2.74 12.71 -15.08
CA ALA A 53 -4.19 12.96 -15.06
C ALA A 53 -4.73 13.18 -13.63
N MET A 54 -4.20 12.41 -12.67
CA MET A 54 -4.66 12.58 -11.29
C MET A 54 -4.23 13.93 -10.74
N ARG A 55 -3.00 14.34 -11.07
CA ARG A 55 -2.52 15.65 -10.61
C ARG A 55 -3.35 16.78 -11.17
N ALA A 56 -3.78 16.65 -12.43
CA ALA A 56 -4.55 17.76 -13.02
C ALA A 56 -5.88 17.89 -12.30
N ILE A 57 -6.46 16.71 -11.98
CA ILE A 57 -7.72 16.77 -11.24
C ILE A 57 -7.52 17.35 -9.84
N LEU A 58 -6.44 16.96 -9.16
CA LEU A 58 -6.21 17.53 -7.84
C LEU A 58 -5.96 19.04 -7.87
N GLU A 59 -5.29 19.51 -8.92
CA GLU A 59 -5.05 20.93 -9.08
C GLU A 59 -6.35 21.68 -9.31
N GLN A 60 -7.30 21.06 -10.01
CA GLN A 60 -8.59 21.76 -10.10
C GLN A 60 -9.51 21.66 -8.87
N GLU A 61 -9.63 20.48 -8.26
CA GLU A 61 -10.63 20.26 -7.21
C GLU A 61 -10.09 20.45 -5.81
N ARG A 62 -8.77 20.36 -5.62
CA ARG A 62 -8.25 20.61 -4.28
C ARG A 62 -7.08 21.55 -4.35
N PRO A 63 -7.35 22.82 -4.74
CA PRO A 63 -6.30 23.81 -4.96
C PRO A 63 -5.46 24.05 -3.73
N GLU A 64 -6.08 23.97 -2.56
CA GLU A 64 -5.35 24.23 -1.31
C GLU A 64 -4.57 23.04 -0.71
N ASP A 65 -4.80 21.82 -1.22
CA ASP A 65 -4.08 20.65 -0.73
C ASP A 65 -2.70 20.43 -1.36
N GLY A 66 -1.77 19.88 -0.59
CA GLY A 66 -0.50 19.47 -1.14
C GLY A 66 -0.59 18.19 -1.96
N ILE A 67 0.42 17.97 -2.81
CA ILE A 67 0.56 16.67 -3.49
C ILE A 67 1.97 16.23 -3.17
N PHE A 68 2.08 15.09 -2.49
CA PHE A 68 3.33 14.62 -1.92
C PHE A 68 4.33 14.37 -3.04
N GLY A 69 5.60 14.75 -2.79
CA GLY A 69 6.65 14.61 -3.79
C GLY A 69 7.15 15.90 -4.47
N GLU A 70 7.12 17.02 -3.73
CA GLU A 70 7.61 18.35 -4.17
C GLU A 70 6.53 19.22 -4.82
N SER A 75 1.55 19.97 -7.44
CA SER A 75 2.67 19.98 -6.51
C SER A 75 2.68 21.28 -5.72
N ARG A 76 2.50 21.15 -4.41
CA ARG A 76 2.60 22.24 -3.44
C ARG A 76 2.79 21.49 -2.12
N PRO A 77 3.49 22.10 -1.14
CA PRO A 77 3.61 21.49 0.19
C PRO A 77 3.38 22.49 1.32
N ASP A 78 3.88 22.14 2.51
CA ASP A 78 3.65 22.89 3.76
C ASP A 78 2.21 22.77 4.26
N ALA A 79 1.30 22.37 3.39
CA ALA A 79 -0.11 22.25 3.76
C ALA A 79 -0.29 21.16 4.81
N ARG A 80 -1.29 21.36 5.67
CA ARG A 80 -1.68 20.35 6.64
C ARG A 80 -2.15 19.07 5.92
N ARG A 81 -2.80 19.23 4.75
CA ARG A 81 -3.41 18.10 3.99
C ARG A 81 -2.61 17.83 2.70
N LEU A 82 -2.25 16.57 2.47
CA LEU A 82 -1.42 16.21 1.31
C LEU A 82 -2.02 14.98 0.66
N TRP A 83 -2.08 14.97 -0.67
CA TRP A 83 -2.42 13.75 -1.40
C TRP A 83 -1.15 12.98 -1.78
N VAL A 84 -1.18 11.65 -1.63
CA VAL A 84 -0.04 10.82 -1.94
C VAL A 84 -0.51 9.85 -3.00
N LEU A 85 0.12 9.85 -4.19
CA LEU A 85 -0.29 9.00 -5.31
C LEU A 85 0.82 8.02 -5.69
N ASP A 86 0.47 6.76 -5.89
CA ASP A 86 1.36 5.82 -6.53
C ASP A 86 0.56 5.12 -7.64
N PRO A 87 0.68 5.57 -8.91
CA PRO A 87 -0.20 4.97 -9.93
C PRO A 87 -0.06 3.45 -10.05
N ILE A 88 1.16 2.96 -9.90
CA ILE A 88 1.43 1.51 -9.99
C ILE A 88 2.37 1.12 -8.85
N ASP A 89 1.80 0.69 -7.74
CA ASP A 89 2.62 0.10 -6.69
C ASP A 89 2.76 -1.38 -7.06
N GLY A 90 3.99 -1.89 -7.06
CA GLY A 90 4.29 -3.20 -7.60
C GLY A 90 4.72 -3.05 -9.05
N THR A 91 5.59 -2.08 -9.29
CA THR A 91 6.06 -1.82 -10.64
C THR A 91 6.72 -3.11 -11.23
N ARG A 92 7.54 -3.80 -10.45
CA ARG A 92 8.16 -5.00 -11.03
C ARG A 92 7.15 -6.11 -11.37
N ALA A 93 6.11 -6.24 -10.55
CA ALA A 93 5.05 -7.20 -10.85
C ALA A 93 4.33 -6.79 -12.12
N PHE A 94 4.08 -5.49 -12.27
CA PHE A 94 3.41 -5.04 -13.50
C PHE A 94 4.28 -5.36 -14.72
N ILE A 95 5.57 -5.15 -14.56
CA ILE A 95 6.50 -5.38 -15.69
C ILE A 95 6.49 -6.85 -16.06
N GLY A 96 6.27 -7.68 -15.04
CA GLY A 96 6.19 -9.14 -15.25
C GLY A 96 4.81 -9.64 -15.67
N GLY A 97 3.86 -8.72 -15.89
CA GLY A 97 2.57 -9.15 -16.39
C GLY A 97 1.66 -9.72 -15.30
N ARG A 98 1.98 -9.44 -14.04
CA ARG A 98 1.16 -9.89 -12.92
C ARG A 98 0.16 -8.87 -12.45
N ALA A 99 -1.06 -9.33 -12.15
CA ALA A 99 -2.10 -8.37 -11.72
C ALA A 99 -2.16 -8.29 -10.19
N SER A 100 -1.00 -8.31 -9.55
CA SER A 100 -0.96 -7.99 -8.11
C SER A 100 -0.66 -6.50 -7.84
N PHE A 101 -0.32 -5.73 -8.89
CA PHE A 101 0.00 -4.33 -8.68
C PHE A 101 -1.26 -3.56 -8.33
N GLY A 102 -1.13 -2.39 -7.70
CA GLY A 102 -2.32 -1.55 -7.47
C GLY A 102 -2.02 -0.06 -7.54
N THR A 103 -3.05 0.73 -7.85
CA THR A 103 -2.92 2.17 -7.72
C THR A 103 -3.18 2.47 -6.24
N LEU A 104 -2.31 3.27 -5.63
CA LEU A 104 -2.54 3.70 -4.24
C LEU A 104 -2.85 5.19 -4.25
N ILE A 105 -3.93 5.57 -3.56
CA ILE A 105 -4.22 7.00 -3.37
C ILE A 105 -4.43 7.24 -1.87
N ALA A 106 -3.84 8.27 -1.31
CA ALA A 106 -4.06 8.51 0.10
C ALA A 106 -4.22 9.99 0.35
N LEU A 107 -5.00 10.34 1.37
CA LEU A 107 -5.04 11.71 1.90
C LEU A 107 -4.38 11.65 3.29
N VAL A 108 -3.51 12.62 3.58
CA VAL A 108 -2.64 12.58 4.74
C VAL A 108 -2.82 13.93 5.43
N GLU A 109 -3.03 13.92 6.76
CA GLU A 109 -3.18 15.18 7.51
C GLU A 109 -2.21 15.20 8.67
N ASP A 110 -1.48 16.31 8.82
CA ASP A 110 -0.43 16.39 9.86
C ASP A 110 0.50 15.17 9.78
N GLY A 111 0.76 14.74 8.55
CA GLY A 111 1.70 13.68 8.29
C GLY A 111 1.10 12.29 8.49
N ARG A 112 -0.17 12.20 8.96
CA ARG A 112 -0.84 10.89 9.15
C ARG A 112 -1.84 10.51 8.04
N PRO A 113 -1.76 9.29 7.46
CA PRO A 113 -2.82 8.95 6.50
C PRO A 113 -4.17 8.95 7.17
N VAL A 114 -5.17 9.51 6.50
CA VAL A 114 -6.54 9.47 7.02
C VAL A 114 -7.50 8.84 5.99
N LEU A 115 -7.00 8.61 4.78
CA LEU A 115 -7.88 7.96 3.76
C LEU A 115 -6.98 7.23 2.81
N GLY A 116 -7.38 6.03 2.35
CA GLY A 116 -6.52 5.30 1.44
C GLY A 116 -7.37 4.43 0.52
N ILE A 117 -6.94 4.30 -0.74
CA ILE A 117 -7.55 3.36 -1.66
C ILE A 117 -6.42 2.53 -2.25
N ILE A 118 -6.65 1.21 -2.34
CA ILE A 118 -5.86 0.33 -3.22
C ILE A 118 -6.80 -0.07 -4.34
N ASN A 119 -6.39 0.13 -5.58
CA ASN A 119 -7.23 -0.32 -6.68
C ASN A 119 -6.46 -1.19 -7.64
N GLN A 120 -6.98 -2.39 -7.90
CA GLN A 120 -6.36 -3.29 -8.87
C GLN A 120 -7.21 -3.13 -10.09
N PRO A 121 -6.67 -2.45 -11.14
CA PRO A 121 -7.54 -2.05 -12.26
C PRO A 121 -7.78 -3.17 -13.25
N ILE A 122 -7.04 -4.28 -13.17
CA ILE A 122 -7.27 -5.36 -14.14
C ILE A 122 -8.45 -6.21 -13.67
N HIS A 123 -8.39 -6.63 -12.41
CA HIS A 123 -9.50 -7.44 -11.85
C HIS A 123 -10.60 -6.70 -11.13
N GLN A 124 -10.46 -5.38 -11.09
CA GLN A 124 -11.46 -4.52 -10.46
C GLN A 124 -11.68 -4.90 -9.00
N GLU A 125 -10.62 -4.81 -8.22
CA GLU A 125 -10.71 -5.05 -6.80
C GLU A 125 -10.25 -3.76 -6.15
N ARG A 126 -11.10 -3.23 -5.27
CA ARG A 126 -10.84 -1.92 -4.69
C ARG A 126 -11.07 -1.94 -3.17
N TRP A 127 -10.00 -1.65 -2.43
CA TRP A 127 -10.06 -1.51 -0.98
C TRP A 127 -10.16 -0.01 -0.64
N VAL A 128 -11.07 0.38 0.27
CA VAL A 128 -11.16 1.79 0.68
C VAL A 128 -11.13 1.85 2.20
N GLY A 129 -10.18 2.62 2.75
CA GLY A 129 -10.10 2.81 4.20
C GLY A 129 -10.15 4.29 4.56
N VAL A 130 -10.75 4.61 5.71
CA VAL A 130 -10.89 6.01 6.10
C VAL A 130 -10.91 6.03 7.62
N LYS A 131 -10.45 7.13 8.19
CA LYS A 131 -10.17 7.23 9.61
C LYS A 131 -11.45 6.94 10.42
N ASP A 132 -12.61 7.29 9.88
CA ASP A 132 -13.82 7.22 10.71
C ASP A 132 -14.86 6.17 10.24
N LEU A 133 -14.46 5.25 9.36
CA LEU A 133 -15.37 4.21 8.89
C LEU A 133 -14.66 2.87 8.83
N PRO A 134 -15.44 1.77 8.87
CA PRO A 134 -14.89 0.42 8.55
C PRO A 134 -14.40 0.36 7.11
N THR A 135 -13.33 -0.38 6.92
CA THR A 135 -12.76 -0.61 5.60
C THR A 135 -13.72 -1.42 4.76
N SER A 136 -13.77 -1.13 3.48
CA SER A 136 -14.62 -1.82 2.54
C SER A 136 -13.82 -2.39 1.34
N PHE A 137 -14.28 -3.51 0.82
CA PHE A 137 -13.67 -4.06 -0.36
C PHE A 137 -14.82 -4.24 -1.37
N ASN A 138 -14.73 -3.58 -2.53
CA ASN A 138 -15.84 -3.61 -3.53
C ASN A 138 -17.17 -3.32 -2.85
N GLY A 139 -17.11 -2.35 -1.94
CA GLY A 139 -18.31 -1.82 -1.31
C GLY A 139 -18.80 -2.58 -0.09
N GLU A 140 -18.13 -3.68 0.28
CA GLU A 140 -18.55 -4.44 1.47
C GLU A 140 -17.59 -4.31 2.66
N VAL A 141 -18.11 -4.23 3.89
CA VAL A 141 -17.24 -4.13 5.06
C VAL A 141 -16.42 -5.42 5.19
N ILE A 142 -15.15 -5.29 5.57
CA ILE A 142 -14.30 -6.47 5.69
C ILE A 142 -13.55 -6.45 7.02
N HIS A 143 -13.05 -7.62 7.41
CA HIS A 143 -12.44 -7.80 8.70
C HIS A 143 -11.16 -8.65 8.57
N THR A 144 -10.13 -8.22 9.30
CA THR A 144 -8.95 -9.07 9.50
C THR A 144 -9.36 -10.27 10.37
N ARG A 145 -8.58 -11.34 10.31
CA ARG A 145 -8.81 -12.49 11.19
C ARG A 145 -7.89 -12.49 12.37
N SER A 146 -8.32 -13.22 13.40
CA SER A 146 -7.47 -13.39 14.57
C SER A 146 -6.48 -14.54 14.32
N CYS A 147 -5.45 -14.63 15.15
CA CYS A 147 -4.41 -15.64 14.95
C CYS A 147 -3.75 -15.94 16.31
N PRO A 148 -3.82 -17.18 16.74
CA PRO A 148 -3.36 -17.52 18.11
C PRO A 148 -1.87 -17.25 18.42
N ALA A 149 -1.00 -17.44 17.42
CA ALA A 149 0.45 -17.49 17.68
C ALA A 149 1.17 -17.47 16.33
N LEU A 150 2.48 -17.15 16.33
CA LEU A 150 3.23 -17.14 15.08
C LEU A 150 3.25 -18.46 14.36
N ASP A 151 3.24 -19.56 15.11
CA ASP A 151 3.33 -20.84 14.43
C ASP A 151 2.05 -21.22 13.68
N HIS A 152 1.00 -20.40 13.83
CA HIS A 152 -0.20 -20.51 12.99
C HIS A 152 -0.34 -19.44 11.93
N ALA A 153 0.59 -18.48 11.95
CA ALA A 153 0.44 -17.29 11.11
C ALA A 153 0.99 -17.48 9.68
N LEU A 154 0.28 -16.88 8.71
CA LEU A 154 0.81 -16.73 7.36
C LEU A 154 1.44 -15.35 7.22
N LEU A 155 2.72 -15.33 6.82
CA LEU A 155 3.52 -14.12 6.73
C LEU A 155 3.70 -13.84 5.23
N ALA A 156 3.75 -12.60 4.81
CA ALA A 156 4.05 -12.31 3.41
C ALA A 156 5.07 -11.22 3.37
N THR A 157 5.84 -11.21 2.29
CA THR A 157 6.72 -10.05 2.01
C THR A 157 6.99 -10.05 0.51
N THR A 158 7.32 -8.88 -0.06
CA THR A 158 7.47 -8.86 -1.52
C THR A 158 8.70 -9.66 -1.94
N SER A 159 9.83 -9.41 -1.23
CA SER A 159 11.06 -10.18 -1.52
C SER A 159 12.06 -10.12 -0.36
N PRO A 160 12.70 -11.26 0.00
CA PRO A 160 13.80 -11.20 0.98
C PRO A 160 14.93 -10.31 0.54
N TRP A 161 15.11 -10.19 -0.77
CA TRP A 161 16.22 -9.39 -1.27
C TRP A 161 15.93 -7.89 -1.36
N LEU A 162 14.70 -7.49 -1.02
CA LEU A 162 14.41 -6.07 -0.95
C LEU A 162 14.75 -5.44 0.44
N PHE A 163 15.19 -6.27 1.38
CA PHE A 163 15.72 -5.81 2.66
C PHE A 163 17.18 -5.36 2.57
N GLU A 164 17.59 -4.54 3.53
CA GLU A 164 19.00 -4.28 3.82
C GLU A 164 19.61 -5.57 4.36
N LYS A 165 20.93 -5.66 4.30
CA LYS A 165 21.58 -6.87 4.77
C LYS A 165 21.20 -7.31 6.19
N GLU A 166 21.22 -6.43 7.18
CA GLU A 166 20.72 -6.84 8.50
C GLU A 166 19.21 -7.13 8.51
N GLY A 167 18.47 -6.38 7.68
CA GLY A 167 17.00 -6.56 7.62
C GLY A 167 16.69 -7.96 7.08
N GLU A 168 17.53 -8.51 6.19
CA GLU A 168 17.30 -9.87 5.70
C GLU A 168 17.41 -10.86 6.88
N VAL A 169 18.30 -10.58 7.81
CA VAL A 169 18.46 -11.47 8.94
C VAL A 169 17.21 -11.38 9.86
N HIS A 170 16.74 -10.15 10.13
CA HIS A 170 15.50 -10.04 10.95
C HIS A 170 14.29 -10.73 10.28
N PHE A 171 14.21 -10.58 8.95
CA PHE A 171 13.10 -11.20 8.25
C PHE A 171 13.20 -12.71 8.33
N ASP A 172 14.43 -13.24 8.14
CA ASP A 172 14.55 -14.67 8.16
C ASP A 172 14.19 -15.26 9.53
N LYS A 173 14.53 -14.50 10.57
CA LYS A 173 14.24 -14.99 11.89
C LYS A 173 12.73 -15.07 12.13
N ILE A 174 12.00 -14.04 11.72
CA ILE A 174 10.52 -14.22 11.87
C ILE A 174 9.89 -15.25 10.92
N ARG A 175 10.44 -15.36 9.71
CA ARG A 175 9.91 -16.35 8.76
C ARG A 175 10.00 -17.76 9.37
N LEU A 176 11.10 -18.03 10.05
CA LEU A 176 11.34 -19.37 10.61
C LEU A 176 10.35 -19.75 11.71
N LYS A 177 9.70 -18.74 12.30
CA LYS A 177 8.75 -18.95 13.38
C LYS A 177 7.30 -18.98 12.92
N CYS A 178 7.05 -18.62 11.66
CA CYS A 178 5.67 -18.62 11.10
C CYS A 178 5.29 -19.93 10.44
N ARG A 179 3.99 -20.15 10.27
CA ARG A 179 3.50 -21.39 9.66
C ARG A 179 3.85 -21.45 8.16
N ASP A 180 3.71 -20.32 7.47
CA ASP A 180 4.08 -20.29 6.06
C ASP A 180 4.37 -18.89 5.65
N THR A 181 5.16 -18.73 4.59
CA THR A 181 5.49 -17.39 4.09
C THR A 181 5.16 -17.32 2.60
N LEU A 182 4.43 -16.29 2.16
CA LEU A 182 4.16 -16.19 0.73
C LEU A 182 4.93 -14.99 0.24
N LEU A 183 5.36 -15.05 -1.01
CA LEU A 183 6.28 -14.03 -1.52
C LEU A 183 5.72 -13.28 -2.73
N GLY A 184 6.19 -12.07 -2.93
CA GLY A 184 5.73 -11.20 -4.02
C GLY A 184 4.45 -10.48 -3.63
N GLY A 185 4.17 -9.34 -4.25
CA GLY A 185 2.81 -8.82 -4.20
C GLY A 185 2.66 -7.35 -3.80
N ASP A 186 3.67 -6.76 -3.13
CA ASP A 186 3.58 -5.32 -2.77
C ASP A 186 2.29 -5.01 -2.03
N CYS A 187 1.54 -4.00 -2.51
CA CYS A 187 0.33 -3.58 -1.77
C CYS A 187 -0.69 -4.70 -1.63
N TYR A 188 -0.62 -5.64 -2.56
CA TYR A 188 -1.67 -6.64 -2.60
C TYR A 188 -1.67 -7.45 -1.30
N ASN A 189 -0.50 -7.66 -0.71
CA ASN A 189 -0.55 -8.51 0.51
C ASN A 189 -1.25 -7.82 1.67
N TYR A 190 -1.20 -6.47 1.66
CA TYR A 190 -1.87 -5.73 2.73
C TYR A 190 -3.37 -5.79 2.47
N GLY A 191 -3.74 -5.82 1.17
CA GLY A 191 -5.15 -5.97 0.90
C GLY A 191 -5.59 -7.38 1.36
N LEU A 192 -4.72 -8.39 1.14
CA LEU A 192 -5.20 -9.75 1.53
C LEU A 192 -5.25 -9.82 3.04
N LEU A 193 -4.32 -9.09 3.67
CA LEU A 193 -4.34 -9.16 5.15
C LEU A 193 -5.62 -8.47 5.67
N SER A 194 -6.08 -7.38 4.99
CA SER A 194 -7.30 -6.68 5.45
C SER A 194 -8.54 -7.54 5.23
N LEU A 195 -8.50 -8.41 4.22
CA LEU A 195 -9.62 -9.31 3.93
C LEU A 195 -9.59 -10.53 4.85
N GLY A 196 -8.53 -10.67 5.63
CA GLY A 196 -8.47 -11.85 6.51
C GLY A 196 -7.83 -13.12 5.93
N HIS A 197 -7.00 -12.97 4.90
CA HIS A 197 -6.33 -14.14 4.29
C HIS A 197 -4.82 -14.18 4.53
N CYS A 198 -4.30 -13.20 5.30
CA CYS A 198 -2.87 -13.17 5.56
C CYS A 198 -2.75 -12.67 7.03
N ASP A 199 -1.74 -13.06 7.83
CA ASP A 199 -1.72 -12.56 9.22
C ASP A 199 -0.68 -11.51 9.50
N LEU A 200 0.45 -11.57 8.78
CA LEU A 200 1.53 -10.60 8.99
C LEU A 200 2.11 -10.20 7.64
N VAL A 201 2.48 -8.93 7.49
CA VAL A 201 3.33 -8.54 6.39
C VAL A 201 4.47 -7.75 7.02
N VAL A 202 5.70 -8.03 6.62
CA VAL A 202 6.86 -7.30 7.15
C VAL A 202 7.71 -6.90 5.96
N GLU A 203 7.98 -5.59 5.83
CA GLU A 203 8.77 -5.09 4.73
C GLU A 203 9.72 -4.00 5.20
N GLN A 204 10.69 -3.73 4.34
CA GLN A 204 11.67 -2.67 4.63
C GLN A 204 12.00 -1.96 3.33
N GLY A 205 12.35 -0.67 3.42
CA GLY A 205 12.76 0.08 2.25
C GLY A 205 11.63 0.72 1.48
N LEU A 206 10.41 0.71 2.01
CA LEU A 206 9.29 1.38 1.31
C LEU A 206 9.40 2.93 1.35
N LYS A 207 8.86 3.58 0.31
CA LYS A 207 8.70 5.04 0.27
C LYS A 207 7.32 5.38 0.81
N PHE A 208 7.05 6.63 1.18
CA PHE A 208 5.74 6.98 1.74
C PHE A 208 4.60 6.69 0.73
N TYR A 209 4.91 6.83 -0.57
CA TYR A 209 3.96 6.53 -1.64
C TYR A 209 3.51 5.09 -1.55
N ASP A 210 4.39 4.23 -1.04
CA ASP A 210 4.06 2.81 -1.01
C ASP A 210 3.20 2.37 0.20
N PHE A 211 3.11 3.15 1.28
CA PHE A 211 2.36 2.69 2.47
C PHE A 211 1.30 3.63 3.02
N ALA A 212 1.36 4.90 2.56
CA ALA A 212 0.39 5.86 3.11
C ALA A 212 -1.03 5.33 2.96
N ALA A 213 -1.40 4.85 1.77
CA ALA A 213 -2.82 4.40 1.56
C ALA A 213 -3.14 3.14 2.38
N LEU A 214 -2.10 2.36 2.66
CA LEU A 214 -2.36 1.05 3.29
C LEU A 214 -2.81 1.20 4.72
N VAL A 215 -2.26 2.20 5.40
CA VAL A 215 -2.55 2.24 6.86
C VAL A 215 -4.07 2.32 7.24
N PRO A 216 -4.83 3.28 6.68
CA PRO A 216 -6.26 3.35 7.01
C PRO A 216 -7.01 2.09 6.62
N ILE A 217 -6.58 1.44 5.54
CA ILE A 217 -7.28 0.25 5.06
C ILE A 217 -7.08 -0.91 6.04
N VAL A 218 -5.83 -1.13 6.42
CA VAL A 218 -5.53 -2.21 7.36
C VAL A 218 -6.16 -1.92 8.74
N GLU A 219 -6.01 -0.68 9.20
CA GLU A 219 -6.49 -0.35 10.54
C GLU A 219 -8.00 -0.36 10.59
N GLY A 220 -8.67 0.06 9.51
CA GLY A 220 -10.13 0.13 9.52
C GLY A 220 -10.71 -1.24 9.29
N ALA A 221 -9.85 -2.19 8.90
CA ALA A 221 -10.27 -3.63 8.85
C ALA A 221 -10.10 -4.32 10.21
N GLY A 222 -9.54 -3.63 11.19
CA GLY A 222 -9.33 -4.26 12.48
C GLY A 222 -7.87 -4.64 12.73
N GLY A 223 -7.00 -4.41 11.75
CA GLY A 223 -5.58 -4.74 11.91
C GLY A 223 -4.74 -3.64 12.53
N ILE A 224 -3.43 -3.83 12.50
CA ILE A 224 -2.56 -2.82 13.07
C ILE A 224 -1.38 -2.71 12.09
N MET A 225 -0.90 -1.49 11.89
CA MET A 225 0.20 -1.30 10.98
C MET A 225 1.08 -0.19 11.53
N ARG A 226 2.35 -0.55 11.81
CA ARG A 226 3.26 0.33 12.50
C ARG A 226 4.67 0.19 11.91
N ASP A 227 5.62 0.98 12.42
CA ASP A 227 7.02 0.66 12.11
C ASP A 227 7.57 -0.43 13.03
N TRP A 228 8.86 -0.75 12.89
CA TRP A 228 9.44 -1.88 13.64
C TRP A 228 9.71 -1.54 15.12
N GLN A 229 9.54 -0.28 15.50
CA GLN A 229 9.52 0.14 16.92
C GLN A 229 8.09 0.24 17.49
N ASN A 230 7.12 -0.28 16.74
CA ASN A 230 5.69 -0.21 17.09
C ASN A 230 5.17 1.24 17.17
N ARG A 231 5.81 2.14 16.43
CA ARG A 231 5.36 3.53 16.37
C ARG A 231 4.49 3.80 15.14
N PRO A 232 3.69 4.87 15.16
CA PRO A 232 2.85 5.20 13.97
C PRO A 232 3.66 5.47 12.73
N LEU A 233 3.14 5.08 11.58
CA LEU A 233 3.78 5.37 10.32
C LEU A 233 3.29 6.75 9.93
N ASN A 234 4.18 7.55 9.39
CA ASN A 234 3.85 8.90 8.97
C ASN A 234 4.67 9.29 7.77
N LYS A 235 4.49 10.53 7.32
CA LYS A 235 5.04 10.98 6.07
C LYS A 235 6.55 10.86 6.07
N ASN A 236 7.10 10.88 7.26
CA ASN A 236 8.53 10.79 7.41
C ASN A 236 9.20 9.46 7.80
N SER A 237 8.39 8.41 7.94
CA SER A 237 8.87 7.07 8.26
C SER A 237 9.84 6.56 7.16
N VAL A 238 10.89 5.87 7.61
CA VAL A 238 11.92 5.37 6.70
C VAL A 238 11.48 4.17 5.90
N GLY A 239 10.35 3.58 6.26
CA GLY A 239 9.75 2.53 5.40
C GLY A 239 9.94 1.12 5.87
N GLU A 240 10.29 0.95 7.15
CA GLU A 240 10.20 -0.35 7.81
C GLU A 240 8.74 -0.43 8.28
N VAL A 241 8.04 -1.49 7.89
CA VAL A 241 6.65 -1.60 8.26
C VAL A 241 6.36 -2.99 8.74
N ILE A 242 5.40 -3.09 9.68
CA ILE A 242 4.81 -4.39 10.03
C ILE A 242 3.29 -4.19 10.08
N ALA A 243 2.57 -5.10 9.42
CA ALA A 243 1.12 -5.09 9.48
C ALA A 243 0.70 -6.44 10.08
N ALA A 244 -0.28 -6.43 10.99
CA ALA A 244 -0.79 -7.67 11.58
C ALA A 244 -2.31 -7.62 11.50
N GLY A 245 -2.95 -8.77 11.25
CA GLY A 245 -4.43 -8.78 11.26
C GLY A 245 -4.92 -8.79 12.71
N ASP A 246 -4.05 -9.22 13.62
CA ASP A 246 -4.41 -9.40 15.02
C ASP A 246 -3.44 -8.62 15.89
N HIS A 247 -3.95 -7.71 16.69
CA HIS A 247 -3.07 -6.85 17.53
C HIS A 247 -2.21 -7.67 18.52
N HIS A 248 -2.74 -8.83 18.89
CA HIS A 248 -2.06 -9.74 19.80
C HIS A 248 -0.71 -10.27 19.21
N LEU A 249 -0.56 -10.28 17.90
CA LEU A 249 0.63 -10.84 17.27
C LEU A 249 1.72 -9.83 17.07
N ILE A 250 1.46 -8.52 17.29
CA ILE A 250 2.57 -7.64 16.92
C ILE A 250 3.75 -7.77 17.88
N GLU A 251 3.52 -7.90 19.18
CA GLU A 251 4.66 -8.15 20.07
C GLU A 251 5.51 -9.42 19.79
N PRO A 252 4.86 -10.60 19.69
CA PRO A 252 5.67 -11.76 19.32
C PRO A 252 6.36 -11.67 17.99
N ALA A 253 5.73 -11.03 17.00
CA ALA A 253 6.36 -10.88 15.72
C ALA A 253 7.64 -10.03 15.81
N LEU A 254 7.53 -8.89 16.48
CA LEU A 254 8.73 -8.02 16.58
C LEU A 254 9.78 -8.72 17.43
N SER A 255 9.35 -9.41 18.48
N SER A 255 9.35 -9.41 18.48
CA SER A 255 10.28 -10.20 19.29
CA SER A 255 10.31 -10.17 19.29
C SER A 255 11.05 -11.23 18.44
C SER A 255 11.04 -11.26 18.47
N ALA A 256 10.32 -11.97 17.61
CA ALA A 256 10.92 -13.03 16.81
C ALA A 256 12.01 -12.47 15.82
N MET A 257 11.83 -11.23 15.37
CA MET A 257 12.78 -10.54 14.49
C MET A 257 14.15 -10.23 15.14
N GLU A 258 14.20 -10.25 16.48
CA GLU A 258 15.45 -10.04 17.23
C GLU A 258 16.13 -8.71 16.84
N LEU A 259 15.37 -7.64 17.02
CA LEU A 259 15.84 -6.33 16.68
C LEU A 259 16.67 -5.73 17.86
#